data_4F3W
#
_entry.id   4F3W
#
_cell.length_a   47.470
_cell.length_b   48.710
_cell.length_c   53.920
_cell.angle_alpha   100.190
_cell.angle_beta   110.420
_cell.angle_gamma   98.390
#
_symmetry.space_group_name_H-M   'P 1'
#
loop_
_entity.id
_entity.type
_entity.pdbx_description
1 polymer 'Cytidine deaminase Cdd'
2 non-polymer 'ZINC ION'
3 water water
#
_entity_poly.entity_id   1
_entity_poly.type   'polypeptide(L)'
_entity_poly.pdbx_seq_one_letter_code
;GPGSMPDIDWKQLRDKATQVAAGAYAPYSRFPVGAAALVDDGRVVTGCNVENVSYGLALCAECGVVCALHATGGGRLVAL
ACVDGRGAPLMPCGRCRQLLFEHGGPELLVDHLAGPRRLGDLLPEPFHADLTGEP
;
_entity_poly.pdbx_strand_id   A,B,C,D
#
# COMPACT_ATOMS: atom_id res chain seq x y z
N ILE A 8 15.47 7.13 27.42
CA ILE A 8 15.37 5.98 26.46
C ILE A 8 15.90 4.68 27.04
N ASP A 9 14.98 3.80 27.40
CA ASP A 9 15.31 2.52 27.98
C ASP A 9 15.27 1.53 26.83
N TRP A 10 16.42 1.29 26.20
CA TRP A 10 16.45 0.43 25.01
C TRP A 10 16.06 -0.99 25.35
N LYS A 11 16.47 -1.45 26.54
CA LYS A 11 16.07 -2.79 27.01
C LYS A 11 14.55 -2.98 27.08
N GLN A 12 13.86 -1.96 27.56
CA GLN A 12 12.40 -2.02 27.71
C GLN A 12 11.74 -2.02 26.33
N LEU A 13 12.22 -1.15 25.45
CA LEU A 13 11.70 -1.09 24.09
C LEU A 13 11.87 -2.44 23.39
N ARG A 14 13.04 -3.03 23.55
CA ARG A 14 13.29 -4.34 22.93
C ARG A 14 12.43 -5.44 23.48
N ASP A 15 12.26 -5.48 24.80
CA ASP A 15 11.39 -6.46 25.41
C ASP A 15 9.91 -6.31 25.00
N LYS A 16 9.41 -5.08 24.94
CA LYS A 16 8.05 -4.81 24.46
C LYS A 16 7.93 -5.20 22.99
N ALA A 17 8.95 -4.92 22.19
CA ALA A 17 8.91 -5.34 20.78
C ALA A 17 8.87 -6.88 20.69
N THR A 18 9.67 -7.58 21.51
CA THR A 18 9.62 -9.06 21.50
C THR A 18 8.27 -9.58 21.97
N GLN A 19 7.71 -8.94 22.97
CA GLN A 19 6.40 -9.32 23.49
C GLN A 19 5.31 -9.25 22.40
N VAL A 20 5.20 -8.07 21.77
CA VAL A 20 4.20 -7.87 20.74
C VAL A 20 4.40 -8.78 19.53
N ALA A 21 5.66 -9.15 19.22
CA ALA A 21 5.95 -10.02 18.07
C ALA A 21 5.28 -11.38 18.19
N ALA A 22 4.94 -11.81 19.39
CA ALA A 22 4.21 -13.06 19.55
C ALA A 22 2.79 -12.97 18.97
N GLY A 23 2.27 -11.77 18.76
CA GLY A 23 0.95 -11.60 18.13
C GLY A 23 1.00 -11.49 16.60
N ALA A 24 2.20 -11.59 16.05
CA ALA A 24 2.40 -11.36 14.61
C ALA A 24 1.55 -12.32 13.79
N TYR A 25 0.92 -11.80 12.73
CA TYR A 25 0.19 -12.62 11.78
C TYR A 25 1.00 -12.66 10.46
N ALA A 26 1.87 -13.67 10.33
CA ALA A 26 2.78 -13.79 9.19
C ALA A 26 2.84 -15.23 8.68
N PRO A 27 1.68 -15.79 8.33
CA PRO A 27 1.68 -17.17 7.82
C PRO A 27 2.22 -17.29 6.39
N TYR A 28 2.30 -16.20 5.65
CA TYR A 28 2.78 -16.24 4.28
C TYR A 28 4.29 -16.21 4.25
N SER A 29 4.92 -15.33 5.02
CA SER A 29 6.39 -15.26 5.04
C SER A 29 7.00 -16.12 6.14
N ARG A 30 6.20 -16.49 7.15
CA ARG A 30 6.73 -17.09 8.38
C ARG A 30 7.82 -16.25 9.05
N PHE A 31 7.76 -14.93 8.87
CA PHE A 31 8.75 -14.01 9.38
C PHE A 31 8.07 -12.96 10.29
N PRO A 32 7.88 -13.31 11.55
CA PRO A 32 7.24 -12.41 12.47
C PRO A 32 8.14 -11.23 12.88
N VAL A 33 7.52 -10.08 13.05
CA VAL A 33 8.21 -8.87 13.44
C VAL A 33 7.37 -8.18 14.50
N GLY A 34 8.05 -7.70 15.53
CA GLY A 34 7.42 -6.80 16.52
C GLY A 34 8.19 -5.49 16.61
N ALA A 35 7.48 -4.43 16.99
CA ALA A 35 8.07 -3.11 17.08
C ALA A 35 7.48 -2.37 18.28
N ALA A 36 8.31 -1.56 18.91
CA ALA A 36 7.88 -0.70 20.00
C ALA A 36 8.60 0.64 19.89
N ALA A 37 7.87 1.71 20.11
CA ALA A 37 8.35 3.05 20.00
C ALA A 37 7.98 3.88 21.25
N LEU A 38 8.97 4.62 21.71
CA LEU A 38 8.80 5.64 22.75
C LEU A 38 8.26 6.93 22.13
N VAL A 39 7.16 7.42 22.70
CA VAL A 39 6.51 8.66 22.23
C VAL A 39 7.07 9.80 23.12
N ASP A 40 7.04 11.03 22.60
CA ASP A 40 7.64 12.17 23.30
C ASP A 40 7.03 12.45 24.68
N ASP A 41 5.84 11.91 24.95
CA ASP A 41 5.25 12.03 26.28
C ASP A 41 5.61 10.87 27.23
N GLY A 42 6.53 10.00 26.81
CA GLY A 42 7.02 8.93 27.68
C GLY A 42 6.34 7.58 27.55
N ARG A 43 5.20 7.51 26.87
CA ARG A 43 4.46 6.25 26.71
C ARG A 43 5.07 5.45 25.55
N VAL A 44 4.73 4.16 25.50
CA VAL A 44 5.29 3.24 24.48
C VAL A 44 4.15 2.65 23.64
N VAL A 45 4.28 2.77 22.33
CA VAL A 45 3.27 2.22 21.45
C VAL A 45 3.92 1.07 20.66
N THR A 46 3.12 0.06 20.34
CA THR A 46 3.62 -1.18 19.77
C THR A 46 2.83 -1.62 18.52
N GLY A 47 3.48 -2.47 17.73
CA GLY A 47 2.82 -3.11 16.62
C GLY A 47 3.55 -4.38 16.22
N CYS A 48 2.84 -5.25 15.50
CA CYS A 48 3.41 -6.44 14.89
C CYS A 48 2.95 -6.52 13.45
N ASN A 49 3.66 -7.29 12.64
CA ASN A 49 3.29 -7.42 11.23
C ASN A 49 2.01 -8.23 11.06
N VAL A 50 1.27 -7.89 10.01
CA VAL A 50 -0.02 -8.52 9.67
C VAL A 50 -0.08 -8.65 8.14
N GLU A 51 0.16 -9.88 7.69
CA GLU A 51 0.18 -10.22 6.29
C GLU A 51 -1.22 -10.52 5.77
N ASN A 52 -1.34 -10.69 4.47
CA ASN A 52 -2.63 -10.92 3.81
C ASN A 52 -2.42 -11.80 2.57
N VAL A 53 -3.44 -12.56 2.22
CA VAL A 53 -3.40 -13.41 1.01
C VAL A 53 -3.08 -12.56 -0.24
N SER A 54 -3.57 -11.31 -0.28
CA SER A 54 -3.11 -10.36 -1.25
C SER A 54 -1.89 -9.65 -0.70
N TYR A 55 -0.69 -10.02 -1.18
CA TYR A 55 0.53 -9.65 -0.42
C TYR A 55 0.70 -8.18 -0.23
N GLY A 56 0.36 -7.42 -1.29
CA GLY A 56 0.42 -5.95 -1.22
C GLY A 56 -0.39 -5.21 -0.17
N LEU A 57 -1.19 -5.96 0.60
CA LEU A 57 -2.00 -5.42 1.65
C LEU A 57 -1.37 -5.71 3.01
N ALA A 58 -0.19 -6.32 3.01
CA ALA A 58 0.50 -6.66 4.27
C ALA A 58 0.89 -5.38 5.00
N LEU A 59 0.80 -5.39 6.33
CA LEU A 59 1.11 -4.26 7.21
C LEU A 59 2.35 -4.62 7.99
N CYS A 60 3.34 -3.72 8.02
CA CYS A 60 4.57 -3.95 8.75
C CYS A 60 4.28 -3.65 10.22
N ALA A 61 5.12 -4.14 11.11
CA ALA A 61 5.02 -3.83 12.55
C ALA A 61 5.01 -2.33 12.75
N GLU A 62 5.85 -1.63 11.98
CA GLU A 62 5.93 -0.17 12.11
C GLU A 62 4.65 0.56 11.70
N CYS A 63 3.87 -0.02 10.80
CA CYS A 63 2.52 0.54 10.45
C CYS A 63 1.64 0.46 11.69
N GLY A 64 1.76 -0.66 12.42
CA GLY A 64 0.99 -0.81 13.65
C GLY A 64 1.42 0.22 14.69
N VAL A 65 2.70 0.44 14.82
CA VAL A 65 3.20 1.49 15.72
C VAL A 65 2.60 2.87 15.40
N VAL A 66 2.59 3.22 14.12
CA VAL A 66 2.07 4.52 13.70
C VAL A 66 0.56 4.65 13.86
N CYS A 67 -0.17 3.58 13.57
CA CYS A 67 -1.62 3.52 13.87
C CYS A 67 -1.92 3.67 15.38
N ALA A 68 -1.15 2.97 16.20
CA ALA A 68 -1.32 2.99 17.65
C ALA A 68 -0.97 4.35 18.24
N LEU A 69 0.11 4.97 17.74
CA LEU A 69 0.46 6.35 18.10
C LEU A 69 -0.75 7.30 18.02
N HIS A 70 -1.48 7.24 16.91
CA HIS A 70 -2.58 8.17 16.73
C HIS A 70 -3.85 7.73 17.41
N ALA A 71 -4.08 6.44 17.53
CA ALA A 71 -5.29 5.95 18.17
C ALA A 71 -5.21 6.19 19.69
N THR A 72 -4.00 6.43 20.21
CA THR A 72 -3.76 6.71 21.64
C THR A 72 -3.49 8.21 21.87
N GLY A 73 -3.84 9.05 20.89
CA GLY A 73 -3.84 10.48 21.09
C GLY A 73 -2.73 11.27 20.41
N GLY A 74 -1.88 10.64 19.62
CA GLY A 74 -0.87 11.40 18.87
C GLY A 74 0.40 11.69 19.63
N GLY A 75 1.25 12.50 19.02
CA GLY A 75 2.56 12.74 19.57
C GLY A 75 3.62 12.53 18.50
N ARG A 76 4.85 12.66 18.93
CA ARG A 76 5.98 12.41 18.08
C ARG A 76 6.73 11.21 18.60
N LEU A 77 7.32 10.43 17.68
CA LEU A 77 8.14 9.32 18.05
C LEU A 77 9.59 9.73 18.30
N VAL A 78 10.14 9.20 19.39
CA VAL A 78 11.48 9.52 19.88
C VAL A 78 12.47 8.38 19.58
N ALA A 79 12.03 7.12 19.71
CA ALA A 79 12.92 5.97 19.60
C ALA A 79 12.10 4.77 19.18
N LEU A 80 12.66 3.92 18.34
CA LEU A 80 11.99 2.71 17.87
C LEU A 80 12.91 1.52 17.98
N ALA A 81 12.41 0.42 18.50
CA ALA A 81 13.04 -0.86 18.33
C ALA A 81 12.15 -1.84 17.56
N CYS A 82 12.71 -2.41 16.49
CA CYS A 82 12.06 -3.49 15.77
CA CYS A 82 12.07 -3.45 15.72
C CYS A 82 12.85 -4.75 15.89
N VAL A 83 12.17 -5.88 16.05
CA VAL A 83 12.86 -7.16 16.26
C VAL A 83 12.31 -8.28 15.43
N ASP A 84 13.21 -9.18 15.03
CA ASP A 84 12.82 -10.39 14.33
C ASP A 84 12.66 -11.52 15.35
N GLY A 85 12.44 -12.73 14.83
CA GLY A 85 12.22 -13.90 15.66
C GLY A 85 13.36 -14.20 16.61
N ARG A 86 14.59 -13.86 16.24
CA ARG A 86 15.72 -14.13 17.14
C ARG A 86 15.93 -13.00 18.16
N GLY A 87 15.14 -11.93 18.07
CA GLY A 87 15.23 -10.82 18.98
C GLY A 87 16.28 -9.82 18.53
N ALA A 88 16.76 -9.98 17.29
CA ALA A 88 17.81 -9.11 16.73
C ALA A 88 17.14 -7.87 16.15
N PRO A 89 17.82 -6.71 16.16
CA PRO A 89 17.17 -5.50 15.60
C PRO A 89 17.08 -5.55 14.09
N LEU A 90 16.00 -4.98 13.57
CA LEU A 90 15.73 -4.91 12.16
C LEU A 90 15.68 -3.45 11.74
N MET A 91 16.13 -3.18 10.53
CA MET A 91 16.01 -1.85 9.94
C MET A 91 14.65 -1.80 9.21
N PRO A 92 13.86 -0.75 9.44
CA PRO A 92 12.61 -0.56 8.73
C PRO A 92 12.80 -0.57 7.21
N CYS A 93 11.82 -1.07 6.47
CA CYS A 93 11.81 -0.99 5.02
C CYS A 93 11.60 0.43 4.63
N GLY A 94 11.83 0.73 3.37
CA GLY A 94 11.75 2.11 2.97
C GLY A 94 10.40 2.74 3.16
N ARG A 95 9.34 1.97 2.93
CA ARG A 95 7.99 2.47 3.16
C ARG A 95 7.87 2.91 4.63
N CYS A 96 8.36 2.06 5.52
CA CYS A 96 8.26 2.35 6.93
C CYS A 96 9.16 3.51 7.32
N ARG A 97 10.31 3.67 6.67
CA ARG A 97 11.13 4.86 6.93
C ARG A 97 10.36 6.15 6.63
N GLN A 98 9.61 6.15 5.53
CA GLN A 98 8.85 7.35 5.16
C GLN A 98 7.72 7.60 6.18
N LEU A 99 7.04 6.52 6.55
CA LEU A 99 6.03 6.54 7.61
C LEU A 99 6.62 7.13 8.86
N LEU A 100 7.74 6.60 9.32
CA LEU A 100 8.30 7.07 10.59
C LEU A 100 8.74 8.52 10.53
N PHE A 101 9.21 8.93 9.36
CA PHE A 101 9.71 10.29 9.21
C PHE A 101 8.61 11.34 9.44
N GLU A 102 7.41 11.05 8.96
CA GLU A 102 6.27 11.89 9.16
C GLU A 102 6.07 12.17 10.65
N HIS A 103 6.29 11.15 11.50
CA HIS A 103 5.93 11.23 12.95
C HIS A 103 7.11 11.35 13.88
N GLY A 104 8.33 11.34 13.34
CA GLY A 104 9.53 11.35 14.15
C GLY A 104 10.62 12.26 13.66
N GLY A 105 10.63 12.53 12.36
CA GLY A 105 11.64 13.38 11.76
C GLY A 105 13.02 12.76 11.82
N PRO A 106 14.03 13.55 11.48
CA PRO A 106 15.36 12.95 11.27
C PRO A 106 16.07 12.46 12.55
N GLU A 107 15.69 12.98 13.72
CA GLU A 107 16.34 12.62 14.97
C GLU A 107 15.77 11.41 15.66
N LEU A 108 14.67 10.84 15.13
CA LEU A 108 14.16 9.59 15.67
C LEU A 108 15.26 8.55 15.62
N LEU A 109 15.46 7.81 16.72
CA LEU A 109 16.52 6.82 16.84
C LEU A 109 15.94 5.43 16.62
N VAL A 110 16.66 4.60 15.87
CA VAL A 110 16.21 3.26 15.52
C VAL A 110 17.26 2.32 16.05
N ASP A 111 16.82 1.33 16.82
CA ASP A 111 17.73 0.36 17.44
C ASP A 111 18.52 -0.39 16.36
N HIS A 112 19.81 -0.61 16.62
CA HIS A 112 20.70 -1.28 15.73
C HIS A 112 21.78 -1.93 16.57
N LEU A 113 22.35 -3.04 16.11
CA LEU A 113 23.53 -3.62 16.77
C LEU A 113 24.65 -2.56 16.92
N ALA A 114 25.25 -2.47 18.10
CA ALA A 114 26.40 -1.56 18.36
C ALA A 114 26.01 -0.14 18.77
N GLY A 115 24.87 0.33 18.29
CA GLY A 115 24.37 1.63 18.63
C GLY A 115 23.22 2.00 17.73
N PRO A 116 22.26 2.75 18.25
CA PRO A 116 21.14 3.22 17.40
C PRO A 116 21.53 4.19 16.27
N ARG A 117 20.71 4.18 15.20
CA ARG A 117 20.89 5.02 14.02
C ARG A 117 19.81 6.09 13.93
N ARG A 118 20.19 7.24 13.37
CA ARG A 118 19.22 8.33 13.17
C ARG A 118 18.40 8.05 11.92
N LEU A 119 17.08 8.26 12.03
CA LEU A 119 16.24 8.15 10.83
C LEU A 119 16.71 9.04 9.68
N GLY A 120 17.27 10.21 10.00
CA GLY A 120 17.76 11.14 9.01
C GLY A 120 18.85 10.57 8.15
N ASP A 121 19.67 9.66 8.72
CA ASP A 121 20.69 8.96 7.93
C ASP A 121 20.10 7.75 7.20
N LEU A 122 19.05 7.14 7.75
CA LEU A 122 18.39 6.01 7.08
C LEU A 122 17.50 6.47 5.92
N LEU A 123 17.03 7.71 5.97
CA LEU A 123 16.23 8.26 4.87
C LEU A 123 16.68 9.66 4.51
N PRO A 124 17.82 9.78 3.81
CA PRO A 124 18.31 11.10 3.43
C PRO A 124 17.45 11.81 2.39
N GLU A 125 17.60 13.13 2.30
CA GLU A 125 16.86 13.94 1.32
C GLU A 125 15.36 13.63 1.38
N PRO A 126 14.75 13.74 2.56
CA PRO A 126 13.37 13.29 2.82
C PRO A 126 12.26 14.19 2.19
N PRO B 6 -20.18 -12.89 20.99
CA PRO B 6 -20.79 -11.92 21.92
C PRO B 6 -22.06 -11.28 21.33
N ASP B 7 -22.95 -10.78 22.19
CA ASP B 7 -24.02 -9.90 21.71
C ASP B 7 -23.33 -8.62 21.24
N ILE B 8 -23.72 -8.13 20.09
CA ILE B 8 -23.05 -6.96 19.54
C ILE B 8 -23.74 -5.72 20.08
N ASP B 9 -22.96 -4.86 20.73
CA ASP B 9 -23.48 -3.59 21.24
C ASP B 9 -23.06 -2.51 20.24
N TRP B 10 -23.95 -2.16 19.33
CA TRP B 10 -23.62 -1.24 18.25
C TRP B 10 -23.35 0.15 18.77
N LYS B 11 -24.08 0.53 19.83
CA LYS B 11 -23.87 1.80 20.50
C LYS B 11 -22.45 1.98 21.01
N GLN B 12 -21.92 0.95 21.69
CA GLN B 12 -20.53 0.94 22.18
C GLN B 12 -19.57 1.12 21.01
N LEU B 13 -19.77 0.33 19.95
CA LEU B 13 -18.84 0.37 18.82
C LEU B 13 -18.86 1.73 18.14
N ARG B 14 -20.03 2.31 17.90
CA ARG B 14 -20.06 3.68 17.33
C ARG B 14 -19.45 4.75 18.25
N ASP B 15 -19.80 4.73 19.53
CA ASP B 15 -19.18 5.66 20.50
C ASP B 15 -17.66 5.53 20.50
N LYS B 16 -17.15 4.30 20.52
CA LYS B 16 -15.70 4.06 20.54
C LYS B 16 -15.07 4.51 19.21
N ALA B 17 -15.78 4.38 18.09
CA ALA B 17 -15.22 4.79 16.77
C ALA B 17 -15.19 6.31 16.73
N THR B 18 -16.23 6.92 17.30
CA THR B 18 -16.35 8.36 17.28
C THR B 18 -15.24 8.98 18.08
N GLN B 19 -14.98 8.39 19.23
CA GLN B 19 -13.92 8.84 20.13
C GLN B 19 -12.56 8.77 19.47
N VAL B 20 -12.27 7.66 18.82
CA VAL B 20 -10.95 7.46 18.22
C VAL B 20 -10.75 8.35 16.98
N ALA B 21 -11.84 8.69 16.28
CA ALA B 21 -11.79 9.57 15.12
C ALA B 21 -11.18 10.95 15.42
N ALA B 22 -11.35 11.42 16.66
CA ALA B 22 -10.77 12.70 17.08
C ALA B 22 -9.25 12.70 17.07
N GLY B 23 -8.65 11.51 17.08
CA GLY B 23 -7.20 11.36 16.95
C GLY B 23 -6.68 11.13 15.54
N ALA B 24 -7.56 11.17 14.55
CA ALA B 24 -7.16 10.88 13.20
C ALA B 24 -6.11 11.88 12.75
N TYR B 25 -5.15 11.40 11.98
CA TYR B 25 -4.12 12.24 11.41
C TYR B 25 -4.43 12.31 9.92
N ALA B 26 -5.12 13.37 9.54
CA ALA B 26 -5.55 13.52 8.16
C ALA B 26 -5.36 14.95 7.66
N PRO B 27 -4.11 15.45 7.73
CA PRO B 27 -3.93 16.83 7.29
C PRO B 27 -3.94 17.03 5.77
N TYR B 28 -3.88 15.94 4.99
CA TYR B 28 -3.89 16.06 3.51
C TYR B 28 -5.29 16.00 2.90
N SER B 29 -6.13 15.06 3.32
CA SER B 29 -7.53 15.00 2.87
C SER B 29 -8.48 15.84 3.76
N ARG B 30 -8.08 16.08 5.02
CA ARG B 30 -8.96 16.61 6.06
C ARG B 30 -10.24 15.79 6.19
N PHE B 31 -10.13 14.49 5.99
CA PHE B 31 -11.27 13.60 6.11
C PHE B 31 -10.96 12.54 7.18
N PRO B 32 -11.21 12.87 8.44
CA PRO B 32 -10.94 11.97 9.54
C PRO B 32 -11.92 10.80 9.62
N VAL B 33 -11.38 9.64 9.98
CA VAL B 33 -12.18 8.43 10.10
C VAL B 33 -11.75 7.72 11.38
N GLY B 34 -12.72 7.20 12.14
CA GLY B 34 -12.45 6.37 13.32
C GLY B 34 -13.14 5.02 13.10
N ALA B 35 -12.61 3.98 13.72
CA ALA B 35 -13.21 2.64 13.63
C ALA B 35 -13.02 1.83 14.89
N ALA B 36 -14.04 1.01 15.19
CA ALA B 36 -14.01 0.18 16.37
C ALA B 36 -14.60 -1.15 16.02
N ALA B 37 -13.92 -2.24 16.41
CA ALA B 37 -14.37 -3.57 16.10
C ALA B 37 -14.51 -4.43 17.36
N LEU B 38 -15.56 -5.26 17.39
CA LEU B 38 -15.74 -6.30 18.40
C LEU B 38 -15.00 -7.56 17.98
N VAL B 39 -14.14 -8.04 18.88
CA VAL B 39 -13.41 -9.27 18.66
C VAL B 39 -14.22 -10.41 19.32
N ASP B 40 -13.97 -11.63 18.85
CA ASP B 40 -14.74 -12.80 19.30
C ASP B 40 -14.54 -13.16 20.77
N ASP B 41 -13.53 -12.62 21.45
CA ASP B 41 -13.37 -12.77 22.91
C ASP B 41 -14.04 -11.64 23.73
N GLY B 42 -14.77 -10.74 23.07
CA GLY B 42 -15.45 -9.63 23.74
C GLY B 42 -14.77 -8.25 23.73
N ARG B 43 -13.45 -8.20 23.60
CA ARG B 43 -12.74 -6.91 23.65
C ARG B 43 -12.98 -6.11 22.35
N VAL B 44 -12.81 -4.80 22.43
CA VAL B 44 -13.02 -3.89 21.29
C VAL B 44 -11.65 -3.33 20.95
N VAL B 45 -11.29 -3.36 19.67
CA VAL B 45 -10.05 -2.72 19.23
C VAL B 45 -10.42 -1.56 18.28
N THR B 46 -9.57 -0.54 18.21
CA THR B 46 -9.88 0.72 17.57
C THR B 46 -8.74 1.14 16.67
N GLY B 47 -9.07 2.03 15.74
CA GLY B 47 -8.12 2.65 14.87
C GLY B 47 -8.68 3.94 14.26
N CYS B 48 -7.75 4.80 13.84
CA CYS B 48 -8.09 6.02 13.11
C CYS B 48 -7.17 6.12 11.90
N ASN B 49 -7.59 6.83 10.88
CA ASN B 49 -6.74 6.94 9.69
C ASN B 49 -5.49 7.78 9.98
N VAL B 50 -4.41 7.44 9.30
CA VAL B 50 -3.15 8.15 9.41
C VAL B 50 -2.59 8.41 8.03
N GLU B 51 -2.64 9.68 7.59
CA GLU B 51 -2.16 10.00 6.26
C GLU B 51 -0.66 10.29 6.24
N ASN B 52 -0.14 10.44 5.04
CA ASN B 52 1.29 10.64 4.85
C ASN B 52 1.52 11.58 3.68
N VAL B 53 2.63 12.32 3.71
CA VAL B 53 2.97 13.20 2.59
C VAL B 53 3.03 12.46 1.26
N SER B 54 3.47 11.20 1.30
CA SER B 54 3.35 10.31 0.15
C SER B 54 1.99 9.64 0.25
N TYR B 55 1.04 10.08 -0.59
CA TYR B 55 -0.37 9.78 -0.33
C TYR B 55 -0.61 8.30 -0.20
N GLY B 56 0.08 7.52 -1.02
CA GLY B 56 -0.15 6.10 -1.09
C GLY B 56 0.36 5.33 0.10
N LEU B 57 0.98 6.00 1.07
CA LEU B 57 1.37 5.40 2.35
C LEU B 57 0.33 5.58 3.45
N ALA B 58 -0.78 6.19 3.10
CA ALA B 58 -1.88 6.38 4.05
C ALA B 58 -2.43 5.07 4.57
N LEU B 59 -2.77 5.08 5.85
CA LEU B 59 -3.34 3.93 6.48
C LEU B 59 -4.77 4.27 6.86
N CYS B 60 -5.68 3.36 6.56
CA CYS B 60 -7.07 3.56 6.90
C CYS B 60 -7.32 3.24 8.38
N ALA B 61 -8.43 3.74 8.93
CA ALA B 61 -8.84 3.41 10.33
C ALA B 61 -8.91 1.90 10.49
N GLU B 62 -9.36 1.21 9.43
CA GLU B 62 -9.51 -0.23 9.49
C GLU B 62 -8.16 -0.96 9.53
N CYS B 63 -7.13 -0.35 8.95
CA CYS B 63 -5.78 -0.88 9.06
C CYS B 63 -5.33 -0.85 10.53
N GLY B 64 -5.62 0.25 11.20
CA GLY B 64 -5.37 0.38 12.62
C GLY B 64 -6.10 -0.70 13.40
N VAL B 65 -7.36 -0.94 13.04
CA VAL B 65 -8.15 -1.96 13.72
C VAL B 65 -7.46 -3.31 13.61
N VAL B 66 -7.04 -3.67 12.40
CA VAL B 66 -6.42 -5.00 12.14
C VAL B 66 -5.04 -5.10 12.81
N CYS B 67 -4.26 -4.02 12.82
CA CYS B 67 -2.96 -4.00 13.56
C CYS B 67 -3.19 -4.21 15.07
N ALA B 68 -4.16 -3.49 15.60
CA ALA B 68 -4.51 -3.61 17.05
C ALA B 68 -4.98 -4.99 17.45
N LEU B 69 -5.79 -5.59 16.58
CA LEU B 69 -6.30 -6.94 16.76
C LEU B 69 -5.16 -7.90 17.10
N HIS B 70 -4.11 -7.86 16.28
CA HIS B 70 -2.97 -8.73 16.48
C HIS B 70 -2.00 -8.26 17.52
N ALA B 71 -1.78 -6.97 17.66
CA ALA B 71 -0.95 -6.47 18.76
C ALA B 71 -1.55 -6.86 20.13
N THR B 72 -2.87 -7.13 20.18
CA THR B 72 -3.54 -7.41 21.44
C THR B 72 -3.92 -8.86 21.56
N GLY B 73 -3.33 -9.71 20.71
CA GLY B 73 -3.37 -11.14 20.92
C GLY B 73 -4.22 -11.89 19.94
N GLY B 74 -4.70 -11.23 18.88
CA GLY B 74 -5.36 -11.94 17.81
C GLY B 74 -6.81 -12.26 18.08
N GLY B 75 -7.35 -13.15 17.25
CA GLY B 75 -8.74 -13.51 17.27
C GLY B 75 -9.43 -13.13 15.97
N ARG B 76 -10.76 -13.22 15.97
CA ARG B 76 -11.58 -12.93 14.79
C ARG B 76 -12.45 -11.71 15.06
N LEU B 77 -12.65 -10.88 14.04
CA LEU B 77 -13.52 -9.72 14.17
C LEU B 77 -14.98 -10.15 13.92
N VAL B 78 -15.87 -9.65 14.76
CA VAL B 78 -17.30 -9.98 14.72
C VAL B 78 -18.15 -8.83 14.17
N ALA B 79 -17.76 -7.61 14.51
CA ALA B 79 -18.54 -6.46 14.10
C ALA B 79 -17.61 -5.27 14.00
N LEU B 80 -17.94 -4.33 13.12
CA LEU B 80 -17.15 -3.13 12.92
C LEU B 80 -18.06 -1.94 12.70
N ALA B 81 -17.71 -0.85 13.35
CA ALA B 81 -18.32 0.43 13.07
C ALA B 81 -17.22 1.40 12.65
N CYS B 82 -17.40 2.04 11.48
CA CYS B 82 -16.48 3.09 10.97
CA CYS B 82 -16.48 3.05 10.96
C CYS B 82 -17.26 4.36 10.78
N VAL B 83 -16.71 5.47 11.27
CA VAL B 83 -17.44 6.75 11.27
C VAL B 83 -16.59 7.87 10.74
N ASP B 84 -17.26 8.82 10.10
CA ASP B 84 -16.61 10.05 9.68
C ASP B 84 -16.50 11.01 10.86
N GLY B 85 -16.00 12.22 10.58
CA GLY B 85 -15.75 13.20 11.63
C GLY B 85 -17.00 13.67 12.35
N ARG B 86 -18.18 13.51 11.71
CA ARG B 86 -19.48 13.86 12.32
C ARG B 86 -20.29 12.66 12.88
N GLY B 87 -19.65 11.48 12.96
CA GLY B 87 -20.23 10.30 13.59
C GLY B 87 -21.15 9.46 12.72
N ALA B 88 -21.23 9.80 11.43
CA ALA B 88 -22.05 9.11 10.44
C ALA B 88 -21.33 7.85 9.95
N PRO B 89 -22.05 6.73 9.75
CA PRO B 89 -21.38 5.50 9.33
C PRO B 89 -20.74 5.58 7.95
N LEU B 90 -19.57 4.94 7.79
CA LEU B 90 -18.89 4.84 6.50
C LEU B 90 -18.70 3.38 6.11
N MET B 91 -18.73 3.11 4.82
CA MET B 91 -18.40 1.76 4.31
C MET B 91 -16.89 1.72 4.08
N PRO B 92 -16.23 0.64 4.50
CA PRO B 92 -14.79 0.49 4.22
C PRO B 92 -14.45 0.48 2.74
N CYS B 93 -13.28 1.00 2.40
CA CYS B 93 -12.84 0.94 1.01
C CYS B 93 -12.49 -0.51 0.64
N GLY B 94 -12.27 -0.72 -0.65
CA GLY B 94 -11.98 -2.06 -1.15
C GLY B 94 -10.78 -2.74 -0.51
N ARG B 95 -9.73 -1.97 -0.30
CA ARG B 95 -8.55 -2.49 0.36
C ARG B 95 -8.93 -3.01 1.74
N CYS B 96 -9.68 -2.18 2.48
CA CYS B 96 -10.03 -2.54 3.83
C CYS B 96 -10.98 -3.74 3.87
N ARG B 97 -11.86 -3.86 2.86
CA ARG B 97 -12.74 -5.04 2.80
C ARG B 97 -11.91 -6.30 2.71
N GLN B 98 -10.86 -6.26 1.88
CA GLN B 98 -9.98 -7.40 1.73
C GLN B 98 -9.23 -7.68 3.03
N LEU B 99 -8.73 -6.63 3.68
CA LEU B 99 -8.08 -6.81 4.98
C LEU B 99 -9.00 -7.51 5.96
N LEU B 100 -10.21 -6.98 6.07
CA LEU B 100 -11.10 -7.40 7.12
C LEU B 100 -11.57 -8.80 6.84
N PHE B 101 -11.71 -9.12 5.56
CA PHE B 101 -12.10 -10.48 5.19
C PHE B 101 -11.16 -11.55 5.75
N GLU B 102 -9.86 -11.28 5.71
CA GLU B 102 -8.89 -12.21 6.26
C GLU B 102 -9.16 -12.47 7.76
N HIS B 103 -9.63 -11.46 8.49
CA HIS B 103 -9.73 -11.55 9.97
C HIS B 103 -11.12 -11.72 10.51
N GLY B 104 -12.12 -11.59 9.64
CA GLY B 104 -13.52 -11.72 10.01
C GLY B 104 -14.38 -12.61 9.09
N GLY B 105 -13.93 -12.88 7.88
CA GLY B 105 -14.74 -13.66 6.95
C GLY B 105 -16.06 -13.03 6.54
N PRO B 106 -16.88 -13.79 5.81
CA PRO B 106 -18.09 -13.22 5.20
C PRO B 106 -19.16 -12.75 6.18
N GLU B 107 -19.14 -13.25 7.42
CA GLU B 107 -20.20 -12.95 8.40
C GLU B 107 -19.87 -11.76 9.32
N LEU B 108 -18.69 -11.16 9.16
CA LEU B 108 -18.39 -9.90 9.83
C LEU B 108 -19.45 -8.87 9.48
N LEU B 109 -20.08 -8.27 10.49
CA LEU B 109 -21.09 -7.24 10.27
C LEU B 109 -20.46 -5.82 10.31
N VAL B 110 -20.82 -4.99 9.35
CA VAL B 110 -20.34 -3.61 9.27
C VAL B 110 -21.52 -2.69 9.50
N ASP B 111 -21.39 -1.80 10.48
CA ASP B 111 -22.45 -0.80 10.79
C ASP B 111 -22.84 0.01 9.56
N HIS B 112 -24.15 0.24 9.41
CA HIS B 112 -24.69 1.00 8.30
C HIS B 112 -26.05 1.55 8.76
N LEU B 113 -26.43 2.72 8.28
CA LEU B 113 -27.61 3.41 8.82
C LEU B 113 -28.89 2.57 8.81
N ALA B 114 -29.11 1.84 7.74
CA ALA B 114 -30.35 1.04 7.59
C ALA B 114 -30.33 -0.20 8.49
N GLY B 115 -29.14 -0.67 8.84
CA GLY B 115 -28.96 -1.95 9.50
C GLY B 115 -27.63 -2.51 8.99
N PRO B 116 -26.96 -3.38 9.76
CA PRO B 116 -25.61 -3.75 9.35
C PRO B 116 -25.58 -4.58 8.06
N ARG B 117 -24.45 -4.51 7.38
CA ARG B 117 -24.22 -5.30 6.16
C ARG B 117 -23.13 -6.36 6.48
N ARG B 118 -23.26 -7.53 5.89
CA ARG B 118 -22.25 -8.57 5.96
C ARG B 118 -21.11 -8.24 5.02
N LEU B 119 -19.89 -8.48 5.47
CA LEU B 119 -18.71 -8.30 4.62
C LEU B 119 -18.82 -9.20 3.38
N GLY B 120 -19.46 -10.36 3.51
CA GLY B 120 -19.69 -11.25 2.40
C GLY B 120 -20.43 -10.61 1.25
N ASP B 121 -21.40 -9.76 1.58
CA ASP B 121 -22.12 -8.99 0.57
C ASP B 121 -21.31 -7.78 0.09
N LEU B 122 -20.47 -7.21 0.92
CA LEU B 122 -19.62 -6.05 0.51
C LEU B 122 -18.43 -6.46 -0.35
N LEU B 123 -18.05 -7.73 -0.27
CA LEU B 123 -16.89 -8.24 -1.03
C LEU B 123 -17.19 -9.64 -1.55
N PRO B 124 -18.01 -9.70 -2.59
CA PRO B 124 -18.34 -11.05 -3.08
C PRO B 124 -17.18 -11.75 -3.79
N GLU B 125 -17.20 -13.08 -3.77
CA GLU B 125 -16.13 -13.89 -4.37
C GLU B 125 -14.71 -13.34 -4.13
N PRO B 126 -14.30 -13.31 -2.86
CA PRO B 126 -13.02 -12.68 -2.48
C PRO B 126 -11.81 -13.55 -2.81
N ILE C 8 -16.88 -6.36 -27.25
CA ILE C 8 -15.63 -6.61 -26.49
C ILE C 8 -15.00 -7.89 -26.97
N ASP C 9 -13.71 -7.85 -27.30
CA ASP C 9 -12.98 -9.04 -27.76
C ASP C 9 -12.33 -9.78 -26.59
N TRP C 10 -13.07 -10.68 -25.96
CA TRP C 10 -12.61 -11.30 -24.73
C TRP C 10 -11.45 -12.21 -24.99
N LYS C 11 -11.49 -12.92 -26.13
CA LYS C 11 -10.37 -13.78 -26.50
C LYS C 11 -9.08 -12.95 -26.60
N GLN C 12 -9.16 -11.77 -27.21
CA GLN C 12 -7.95 -10.95 -27.34
C GLN C 12 -7.42 -10.44 -26.00
N LEU C 13 -8.34 -10.02 -25.13
CA LEU C 13 -7.91 -9.62 -23.78
C LEU C 13 -7.29 -10.78 -23.02
N ARG C 14 -7.89 -11.96 -23.10
CA ARG C 14 -7.29 -13.12 -22.40
C ARG C 14 -5.92 -13.46 -22.97
N ASP C 15 -5.78 -13.42 -24.29
CA ASP C 15 -4.49 -13.67 -24.96
C ASP C 15 -3.39 -12.69 -24.48
N LYS C 16 -3.72 -11.41 -24.44
CA LYS C 16 -2.81 -10.37 -24.00
C LYS C 16 -2.45 -10.53 -22.54
N ALA C 17 -3.43 -10.92 -21.72
CA ALA C 17 -3.18 -11.13 -20.26
C ALA C 17 -2.25 -12.32 -20.06
N THR C 18 -2.45 -13.35 -20.89
CA THR C 18 -1.59 -14.53 -20.80
C THR C 18 -0.16 -14.15 -21.22
N GLN C 19 -0.04 -13.35 -22.28
CA GLN C 19 1.28 -12.91 -22.78
C GLN C 19 2.04 -12.12 -21.72
N VAL C 20 1.33 -11.22 -21.07
CA VAL C 20 2.00 -10.33 -20.12
C VAL C 20 2.34 -11.05 -18.82
N ALA C 21 1.60 -12.11 -18.49
CA ALA C 21 1.85 -12.85 -17.28
C ALA C 21 3.24 -13.53 -17.31
N ALA C 22 3.81 -13.75 -18.50
CA ALA C 22 5.19 -14.30 -18.59
C ALA C 22 6.25 -13.35 -18.03
N GLY C 23 5.94 -12.05 -17.99
CA GLY C 23 6.81 -11.04 -17.36
C GLY C 23 6.61 -10.88 -15.85
N ALA C 24 5.68 -11.64 -15.28
CA ALA C 24 5.37 -11.46 -13.84
C ALA C 24 6.64 -11.61 -12.97
N TYR C 25 6.76 -10.75 -11.97
CA TYR C 25 7.83 -10.84 -11.02
C TYR C 25 7.17 -11.27 -9.69
N ALA C 26 7.13 -12.59 -9.46
CA ALA C 26 6.46 -13.13 -8.28
C ALA C 26 7.24 -14.27 -7.62
N PRO C 27 8.50 -13.99 -7.24
CA PRO C 27 9.32 -15.05 -6.63
C PRO C 27 8.95 -15.37 -5.18
N TYR C 28 8.15 -14.52 -4.51
CA TYR C 28 7.78 -14.80 -3.10
C TYR C 28 6.54 -15.68 -3.00
N SER C 29 5.52 -15.36 -3.79
CA SER C 29 4.31 -16.18 -3.84
C SER C 29 4.41 -17.28 -4.89
N ARG C 30 5.31 -17.14 -5.86
CA ARG C 30 5.35 -17.99 -7.06
C ARG C 30 3.98 -18.10 -7.73
N PHE C 31 3.19 -17.03 -7.64
CA PHE C 31 1.86 -16.98 -8.24
C PHE C 31 1.79 -15.82 -9.23
N PRO C 32 2.19 -16.07 -10.47
CA PRO C 32 2.18 -15.03 -11.49
C PRO C 32 0.77 -14.70 -11.98
N VAL C 33 0.58 -13.43 -12.32
CA VAL C 33 -0.70 -13.00 -12.80
C VAL C 33 -0.48 -12.01 -13.91
N GLY C 34 -1.32 -12.10 -14.95
CA GLY C 34 -1.32 -11.14 -16.06
C GLY C 34 -2.71 -10.54 -16.23
N ALA C 35 -2.80 -9.27 -16.63
CA ALA C 35 -4.07 -8.61 -16.78
C ALA C 35 -4.03 -7.72 -18.03
N ALA C 36 -5.15 -7.72 -18.74
CA ALA C 36 -5.32 -6.84 -19.92
C ALA C 36 -6.67 -6.19 -19.85
N ALA C 37 -6.72 -4.89 -20.12
CA ALA C 37 -7.95 -4.11 -20.12
C ALA C 37 -8.16 -3.36 -21.45
N LEU C 38 -9.41 -3.32 -21.87
CA LEU C 38 -9.90 -2.50 -22.96
C LEU C 38 -10.26 -1.10 -22.46
N VAL C 39 -9.72 -0.08 -23.13
CA VAL C 39 -9.96 1.30 -22.77
C VAL C 39 -11.08 1.81 -23.70
N ASP C 40 -11.83 2.79 -23.24
CA ASP C 40 -12.99 3.32 -24.02
C ASP C 40 -12.64 3.92 -25.38
N ASP C 41 -11.36 4.15 -25.65
CA ASP C 41 -10.90 4.55 -26.98
C ASP C 41 -10.45 3.38 -27.89
N GLY C 42 -10.60 2.15 -27.40
CA GLY C 42 -10.26 0.99 -28.24
C GLY C 42 -8.92 0.34 -27.99
N ARG C 43 -7.99 1.03 -27.34
CA ARG C 43 -6.69 0.46 -27.08
C ARG C 43 -6.73 -0.51 -25.87
N VAL C 44 -5.70 -1.35 -25.79
CA VAL C 44 -5.58 -2.35 -24.71
C VAL C 44 -4.31 -2.10 -23.87
N VAL C 45 -4.48 -2.12 -22.56
CA VAL C 45 -3.37 -1.88 -21.67
C VAL C 45 -3.22 -3.09 -20.79
N THR C 46 -1.99 -3.35 -20.37
CA THR C 46 -1.65 -4.60 -19.73
C THR C 46 -0.81 -4.35 -18.50
N GLY C 47 -0.78 -5.37 -17.64
CA GLY C 47 0.07 -5.36 -16.46
C GLY C 47 0.24 -6.78 -15.95
N CYS C 48 1.33 -6.96 -15.21
CA CYS C 48 1.62 -8.17 -14.48
C CYS C 48 2.00 -7.84 -13.06
N ASN C 49 1.87 -8.82 -12.17
CA ASN C 49 2.20 -8.56 -10.77
C ASN C 49 3.71 -8.44 -10.58
N VAL C 50 4.08 -7.65 -9.60
CA VAL C 50 5.48 -7.33 -9.23
C VAL C 50 5.55 -7.28 -7.70
N GLU C 51 6.11 -8.35 -7.16
CA GLU C 51 6.22 -8.50 -5.73
C GLU C 51 7.50 -7.84 -5.21
N ASN C 52 7.68 -7.86 -3.90
CA ASN C 52 8.82 -7.17 -3.28
C ASN C 52 9.14 -7.88 -1.99
N VAL C 53 10.40 -7.82 -1.59
CA VAL C 53 10.80 -8.44 -0.32
C VAL C 53 10.03 -7.92 0.88
N SER C 54 9.69 -6.63 0.86
CA SER C 54 8.71 -6.09 1.78
C SER C 54 7.35 -6.39 1.18
N TYR C 55 6.65 -7.39 1.72
CA TYR C 55 5.46 -7.89 1.00
C TYR C 55 4.43 -6.84 0.69
N GLY C 56 4.24 -5.93 1.63
CA GLY C 56 3.24 -4.87 1.50
C GLY C 56 3.49 -3.85 0.38
N LEU C 57 4.61 -4.01 -0.33
CA LEU C 57 4.91 -3.15 -1.46
C LEU C 57 4.56 -3.80 -2.78
N ALA C 58 4.09 -5.06 -2.75
CA ALA C 58 3.70 -5.76 -3.96
C ALA C 58 2.61 -5.05 -4.75
N LEU C 59 2.78 -5.06 -6.07
CA LEU C 59 1.85 -4.48 -7.00
C LEU C 59 1.13 -5.60 -7.73
N CYS C 60 -0.19 -5.51 -7.79
CA CYS C 60 -0.99 -6.47 -8.51
C CYS C 60 -0.89 -6.18 -10.00
N ALA C 61 -1.21 -7.17 -10.82
CA ALA C 61 -1.31 -6.99 -12.29
C ALA C 61 -2.22 -5.80 -12.61
N GLU C 62 -3.31 -5.69 -11.84
CA GLU C 62 -4.28 -4.62 -12.09
C GLU C 62 -3.70 -3.22 -11.81
N CYS C 63 -2.80 -3.13 -10.85
CA CYS C 63 -2.09 -1.84 -10.57
C CYS C 63 -1.28 -1.47 -11.82
N GLY C 64 -0.65 -2.46 -12.43
CA GLY C 64 0.06 -2.23 -13.71
C GLY C 64 -0.87 -1.75 -14.83
N VAL C 65 -2.04 -2.36 -14.92
CA VAL C 65 -3.04 -1.92 -15.90
C VAL C 65 -3.41 -0.46 -15.71
N VAL C 66 -3.69 -0.08 -14.47
CA VAL C 66 -4.06 1.34 -14.13
C VAL C 66 -2.87 2.29 -14.35
N CYS C 67 -1.68 1.89 -13.97
CA CYS C 67 -0.48 2.68 -14.31
C CYS C 67 -0.33 2.88 -15.84
N ALA C 68 -0.51 1.80 -16.61
CA ALA C 68 -0.35 1.85 -18.06
C ALA C 68 -1.46 2.67 -18.73
N LEU C 69 -2.68 2.56 -18.19
CA LEU C 69 -3.81 3.39 -18.66
C LEU C 69 -3.40 4.87 -18.72
N HIS C 70 -2.85 5.33 -17.63
CA HIS C 70 -2.51 6.74 -17.51
C HIS C 70 -1.22 7.10 -18.20
N ALA C 71 -0.20 6.24 -18.17
CA ALA C 71 1.04 6.54 -18.90
C ALA C 71 0.82 6.60 -20.42
N THR C 72 -0.23 5.96 -20.90
CA THR C 72 -0.54 5.93 -22.34
C THR C 72 -1.69 6.87 -22.66
N GLY C 73 -2.07 7.72 -21.72
CA GLY C 73 -2.92 8.86 -22.06
C GLY C 73 -4.29 8.89 -21.42
N GLY C 74 -4.56 7.99 -20.47
CA GLY C 74 -5.80 8.06 -19.71
C GLY C 74 -6.99 7.49 -20.45
N GLY C 75 -8.18 7.70 -19.90
CA GLY C 75 -9.36 7.08 -20.42
C GLY C 75 -10.03 6.27 -19.33
N ARG C 76 -11.08 5.59 -19.72
CA ARG C 76 -11.90 4.79 -18.86
C ARG C 76 -11.76 3.37 -19.30
N LEU C 77 -11.77 2.48 -18.34
CA LEU C 77 -11.67 1.06 -18.61
C LEU C 77 -13.08 0.50 -18.84
N VAL C 78 -13.19 -0.36 -19.84
CA VAL C 78 -14.43 -0.94 -20.30
C VAL C 78 -14.55 -2.42 -19.93
N ALA C 79 -13.43 -3.12 -19.96
CA ALA C 79 -13.42 -4.57 -19.77
C ALA C 79 -12.04 -4.95 -19.34
N LEU C 80 -11.94 -5.95 -18.45
CA LEU C 80 -10.68 -6.40 -17.89
C LEU C 80 -10.70 -7.92 -17.86
N ALA C 81 -9.63 -8.54 -18.28
CA ALA C 81 -9.39 -9.98 -18.08
C ALA C 81 -8.10 -10.11 -17.28
N CYS C 82 -8.18 -10.88 -16.20
CA CYS C 82 -7.03 -11.25 -15.42
C CYS C 82 -6.89 -12.76 -15.48
N VAL C 83 -5.66 -13.25 -15.54
CA VAL C 83 -5.43 -14.69 -15.72
C VAL C 83 -4.31 -15.19 -14.81
N ASP C 84 -4.47 -16.39 -14.27
CA ASP C 84 -3.40 -16.96 -13.44
C ASP C 84 -2.55 -17.83 -14.36
N GLY C 85 -1.58 -18.56 -13.80
CA GLY C 85 -0.69 -19.43 -14.58
C GLY C 85 -1.32 -20.69 -15.17
N ARG C 86 -2.51 -21.03 -14.69
CA ARG C 86 -3.27 -22.16 -15.22
C ARG C 86 -4.16 -21.74 -16.37
N GLY C 87 -4.22 -20.43 -16.65
CA GLY C 87 -5.10 -19.85 -17.66
C GLY C 87 -6.50 -19.47 -17.23
N ALA C 88 -6.75 -19.52 -15.91
CA ALA C 88 -8.07 -19.32 -15.33
C ALA C 88 -8.31 -17.84 -15.03
N PRO C 89 -9.55 -17.35 -15.20
CA PRO C 89 -9.85 -15.97 -14.83
C PRO C 89 -9.69 -15.77 -13.33
N LEU C 90 -9.21 -14.62 -12.94
CA LEU C 90 -9.01 -14.29 -11.54
C LEU C 90 -9.85 -13.07 -11.22
N MET C 91 -10.45 -13.07 -10.03
CA MET C 91 -11.20 -11.92 -9.54
C MET C 91 -10.19 -10.99 -8.87
N PRO C 92 -10.23 -9.72 -9.19
CA PRO C 92 -9.40 -8.72 -8.51
C PRO C 92 -9.63 -8.71 -6.98
N CYS C 93 -8.57 -8.48 -6.23
CA CYS C 93 -8.64 -8.32 -4.79
C CYS C 93 -9.34 -7.02 -4.51
N GLY C 94 -9.74 -6.85 -3.26
CA GLY C 94 -10.45 -5.65 -2.88
C GLY C 94 -9.80 -4.34 -3.19
N ARG C 95 -8.50 -4.27 -2.96
CA ARG C 95 -7.73 -3.08 -3.24
C ARG C 95 -7.88 -2.76 -4.73
N CYS C 96 -7.71 -3.80 -5.56
CA CYS C 96 -7.77 -3.61 -7.00
C CYS C 96 -9.18 -3.27 -7.49
N ARG C 97 -10.21 -3.77 -6.82
CA ARG C 97 -11.58 -3.35 -7.12
C ARG C 97 -11.74 -1.85 -6.93
N GLN C 98 -11.24 -1.34 -5.80
CA GLN C 98 -11.33 0.09 -5.53
C GLN C 98 -10.56 0.92 -6.56
N LEU C 99 -9.35 0.47 -6.85
CA LEU C 99 -8.54 1.05 -7.93
C LEU C 99 -9.31 1.11 -9.22
N LEU C 100 -9.86 -0.02 -9.62
CA LEU C 100 -10.58 -0.10 -10.89
C LEU C 100 -11.83 0.77 -10.93
N PHE C 101 -12.48 0.92 -9.78
CA PHE C 101 -13.74 1.65 -9.72
C PHE C 101 -13.51 3.11 -10.10
N GLU C 102 -12.40 3.65 -9.63
CA GLU C 102 -12.02 5.02 -9.92
C GLU C 102 -11.96 5.23 -11.44
N HIS C 103 -11.50 4.23 -12.19
CA HIS C 103 -11.21 4.38 -13.65
C HIS C 103 -12.17 3.70 -14.59
N GLY C 104 -13.12 2.98 -14.03
CA GLY C 104 -14.04 2.10 -14.76
C GLY C 104 -15.48 2.23 -14.32
N GLY C 105 -15.72 2.61 -13.07
CA GLY C 105 -17.07 2.73 -12.55
C GLY C 105 -17.77 1.39 -12.49
N PRO C 106 -19.08 1.41 -12.23
CA PRO C 106 -19.74 0.13 -11.93
C PRO C 106 -19.99 -0.77 -13.10
N GLU C 107 -19.95 -0.22 -14.32
CA GLU C 107 -20.24 -0.99 -15.51
C GLU C 107 -19.03 -1.69 -16.13
N LEU C 108 -17.83 -1.42 -15.59
CA LEU C 108 -16.67 -2.16 -16.03
C LEU C 108 -16.93 -3.68 -15.89
N LEU C 109 -16.66 -4.44 -16.94
CA LEU C 109 -16.80 -5.87 -16.94
C LEU C 109 -15.47 -6.61 -16.66
N VAL C 110 -15.54 -7.61 -15.82
CA VAL C 110 -14.38 -8.39 -15.45
C VAL C 110 -14.63 -9.83 -15.86
N ASP C 111 -13.65 -10.39 -16.55
CA ASP C 111 -13.75 -11.78 -17.02
C ASP C 111 -13.97 -12.77 -15.87
N HIS C 112 -14.86 -13.73 -16.09
CA HIS C 112 -15.18 -14.70 -15.08
C HIS C 112 -15.63 -15.96 -15.80
N LEU C 113 -15.42 -17.13 -15.23
CA LEU C 113 -15.97 -18.36 -15.83
C LEU C 113 -17.49 -18.21 -16.01
N ALA C 114 -18.00 -18.65 -17.15
CA ALA C 114 -19.46 -18.63 -17.42
C ALA C 114 -20.00 -17.31 -18.00
N GLY C 115 -19.37 -16.20 -17.63
CA GLY C 115 -19.80 -14.90 -18.12
C GLY C 115 -19.18 -13.80 -17.28
N PRO C 116 -18.87 -12.66 -17.88
CA PRO C 116 -18.21 -11.59 -17.10
C PRO C 116 -19.13 -10.97 -16.04
N ARG C 117 -18.53 -10.35 -15.02
CA ARG C 117 -19.25 -9.75 -13.93
C ARG C 117 -19.01 -8.26 -13.95
N ARG C 118 -20.01 -7.50 -13.50
CA ARG C 118 -19.90 -6.05 -13.40
C ARG C 118 -19.12 -5.68 -12.16
N LEU C 119 -18.20 -4.73 -12.27
CA LEU C 119 -17.51 -4.26 -11.07
C LEU C 119 -18.48 -3.73 -10.01
N GLY C 120 -19.59 -3.13 -10.42
CA GLY C 120 -20.57 -2.60 -9.49
C GLY C 120 -21.14 -3.68 -8.55
N ASP C 121 -21.22 -4.92 -9.04
CA ASP C 121 -21.60 -6.07 -8.19
C ASP C 121 -20.42 -6.53 -7.32
N LEU C 122 -19.20 -6.43 -7.85
CA LEU C 122 -18.01 -6.87 -7.11
C LEU C 122 -17.62 -5.91 -5.98
N LEU C 123 -18.05 -4.67 -6.09
CA LEU C 123 -17.74 -3.66 -5.09
C LEU C 123 -18.96 -2.80 -4.84
N PRO C 124 -19.97 -3.35 -4.14
CA PRO C 124 -21.17 -2.57 -3.82
C PRO C 124 -20.91 -1.38 -2.90
N GLU C 125 -21.79 -0.36 -2.93
CA GLU C 125 -21.67 0.82 -2.04
C GLU C 125 -20.23 1.41 -2.01
N PRO C 126 -19.67 1.76 -3.17
CA PRO C 126 -18.22 2.06 -3.31
C PRO C 126 -17.64 3.31 -2.59
N ASP D 7 25.67 4.04 -21.96
CA ASP D 7 26.08 5.27 -21.20
C ASP D 7 24.87 6.17 -21.12
N ILE D 8 24.58 6.68 -19.94
CA ILE D 8 23.23 7.18 -19.64
C ILE D 8 22.98 8.51 -20.31
N ASP D 9 21.89 8.60 -21.06
CA ASP D 9 21.48 9.86 -21.63
C ASP D 9 20.46 10.51 -20.67
N TRP D 10 20.94 11.41 -19.80
CA TRP D 10 20.07 12.01 -18.78
C TRP D 10 19.02 12.90 -19.37
N LYS D 11 19.36 13.59 -20.45
CA LYS D 11 18.40 14.44 -21.14
C LYS D 11 17.26 13.64 -21.73
N GLN D 12 17.54 12.47 -22.30
CA GLN D 12 16.49 11.56 -22.78
C GLN D 12 15.61 11.18 -21.62
N LEU D 13 16.21 10.79 -20.50
CA LEU D 13 15.38 10.32 -19.40
C LEU D 13 14.52 11.44 -18.88
N ARG D 14 15.09 12.61 -18.66
CA ARG D 14 14.24 13.72 -18.17
C ARG D 14 13.13 14.10 -19.12
N ASP D 15 13.42 14.11 -20.43
CA ASP D 15 12.41 14.45 -21.47
C ASP D 15 11.28 13.45 -21.43
N LYS D 16 11.64 12.16 -21.33
CA LYS D 16 10.63 11.12 -21.25
C LYS D 16 9.79 11.25 -19.96
N ALA D 17 10.42 11.57 -18.86
CA ALA D 17 9.69 11.71 -17.58
C ALA D 17 8.78 12.92 -17.65
N THR D 18 9.25 14.02 -18.24
CA THR D 18 8.38 15.19 -18.43
C THR D 18 7.20 14.91 -19.35
N GLN D 19 7.44 14.17 -20.43
CA GLN D 19 6.38 13.85 -21.37
C GLN D 19 5.33 12.98 -20.71
N VAL D 20 5.73 11.95 -19.96
CA VAL D 20 4.73 11.03 -19.37
C VAL D 20 3.93 11.67 -18.22
N ALA D 21 4.47 12.72 -17.62
CA ALA D 21 3.80 13.43 -16.56
C ALA D 21 2.43 13.97 -16.99
N ALA D 22 2.29 14.26 -18.28
CA ALA D 22 1.02 14.69 -18.84
C ALA D 22 -0.10 13.66 -18.65
N GLY D 23 0.23 12.37 -18.51
CA GLY D 23 -0.78 11.36 -18.26
C GLY D 23 -1.14 11.25 -16.77
N ALA D 24 -0.47 11.99 -15.91
CA ALA D 24 -0.68 11.86 -14.47
C ALA D 24 -2.15 12.01 -14.12
N TYR D 25 -2.63 11.20 -13.18
CA TYR D 25 -3.94 11.31 -12.60
C TYR D 25 -3.74 11.72 -11.15
N ALA D 26 -3.73 13.03 -10.92
CA ALA D 26 -3.42 13.60 -9.62
C ALA D 26 -4.42 14.67 -9.23
N PRO D 27 -5.72 14.34 -9.23
CA PRO D 27 -6.67 15.42 -8.96
C PRO D 27 -6.76 15.78 -7.48
N TYR D 28 -6.28 14.91 -6.60
CA TYR D 28 -6.35 15.13 -5.17
C TYR D 28 -5.24 16.03 -4.67
N SER D 29 -4.01 15.77 -5.14
CA SER D 29 -2.85 16.58 -4.79
C SER D 29 -2.64 17.73 -5.73
N ARG D 30 -3.17 17.63 -6.95
CA ARG D 30 -2.85 18.57 -8.05
C ARG D 30 -1.34 18.71 -8.27
N PHE D 31 -0.62 17.59 -8.13
CA PHE D 31 0.82 17.55 -8.31
C PHE D 31 1.19 16.39 -9.22
N PRO D 32 1.17 16.62 -10.55
CA PRO D 32 1.55 15.55 -11.48
C PRO D 32 3.04 15.21 -11.32
N VAL D 33 3.38 13.93 -11.43
CA VAL D 33 4.76 13.47 -11.45
C VAL D 33 4.95 12.44 -12.59
N GLY D 34 6.05 12.56 -13.29
CA GLY D 34 6.41 11.61 -14.31
C GLY D 34 7.77 11.02 -13.99
N ALA D 35 8.01 9.82 -14.46
CA ALA D 35 9.27 9.15 -14.28
C ALA D 35 9.65 8.28 -15.50
N ALA D 36 10.95 8.21 -15.76
CA ALA D 36 11.49 7.42 -16.84
C ALA D 36 12.76 6.73 -16.37
N ALA D 37 12.89 5.46 -16.69
CA ALA D 37 14.08 4.73 -16.29
C ALA D 37 14.68 3.96 -17.45
N LEU D 38 16.01 3.90 -17.46
CA LEU D 38 16.79 3.14 -18.42
C LEU D 38 16.96 1.73 -17.86
N VAL D 39 16.60 0.74 -18.67
CA VAL D 39 16.77 -0.66 -18.35
C VAL D 39 18.15 -1.10 -18.88
N ASP D 40 18.65 -2.22 -18.37
CA ASP D 40 19.98 -2.69 -18.66
C ASP D 40 20.13 -3.19 -20.11
N ASP D 41 19.03 -3.53 -20.78
CA ASP D 41 19.07 -3.81 -22.25
C ASP D 41 19.05 -2.53 -23.07
N GLY D 42 18.87 -1.38 -22.44
CA GLY D 42 18.90 -0.07 -23.14
C GLY D 42 17.55 0.58 -23.44
N ARG D 43 16.46 -0.14 -23.23
CA ARG D 43 15.15 0.47 -23.42
C ARG D 43 14.78 1.36 -22.22
N VAL D 44 13.83 2.27 -22.44
CA VAL D 44 13.35 3.18 -21.41
C VAL D 44 11.89 2.83 -21.08
N VAL D 45 11.57 2.72 -19.79
CA VAL D 45 10.20 2.52 -19.36
C VAL D 45 9.77 3.75 -18.53
N THR D 46 8.48 4.05 -18.55
CA THR D 46 7.94 5.28 -18.02
C THR D 46 6.77 4.96 -17.13
N GLY D 47 6.48 5.89 -16.22
CA GLY D 47 5.28 5.89 -15.46
C GLY D 47 4.93 7.29 -14.97
N CYS D 48 3.67 7.40 -14.56
CA CYS D 48 3.14 8.64 -13.96
C CYS D 48 2.30 8.32 -12.72
N ASN D 49 2.12 9.29 -11.83
CA ASN D 49 1.38 9.03 -10.60
C ASN D 49 -0.09 8.84 -10.90
N VAL D 50 -0.74 7.98 -10.11
CA VAL D 50 -2.18 7.75 -10.23
C VAL D 50 -2.81 7.71 -8.82
N GLU D 51 -3.56 8.76 -8.47
CA GLU D 51 -4.14 8.90 -7.14
C GLU D 51 -5.46 8.18 -7.09
N ASN D 52 -6.02 8.08 -5.89
CA ASN D 52 -7.29 7.43 -5.68
C ASN D 52 -8.04 8.14 -4.57
N VAL D 53 -9.36 8.04 -4.59
CA VAL D 53 -10.22 8.61 -3.52
C VAL D 53 -9.83 8.04 -2.15
N SER D 54 -9.47 6.74 -2.12
CA SER D 54 -8.82 6.16 -0.94
C SER D 54 -7.36 6.45 -1.10
N TYR D 55 -6.85 7.42 -0.33
CA TYR D 55 -5.50 7.96 -0.60
C TYR D 55 -4.45 6.88 -0.59
N GLY D 56 -4.57 5.94 0.34
CA GLY D 56 -3.55 4.89 0.49
C GLY D 56 -3.48 3.90 -0.64
N LEU D 57 -4.33 4.07 -1.64
CA LEU D 57 -4.27 3.30 -2.87
C LEU D 57 -3.53 4.04 -4.00
N ALA D 58 -3.06 5.24 -3.69
CA ALA D 58 -2.30 5.97 -4.67
C ALA D 58 -1.02 5.30 -5.14
N LEU D 59 -0.72 5.44 -6.43
CA LEU D 59 0.45 4.82 -7.03
C LEU D 59 1.42 5.92 -7.45
N CYS D 60 2.67 5.84 -7.03
CA CYS D 60 3.66 6.79 -7.43
C CYS D 60 4.08 6.57 -8.89
N ALA D 61 4.69 7.56 -9.51
CA ALA D 61 5.18 7.44 -10.89
C ALA D 61 6.19 6.26 -10.95
N GLU D 62 7.01 6.08 -9.90
CA GLU D 62 7.99 4.99 -9.84
C GLU D 62 7.37 3.60 -9.78
N CYS D 63 6.18 3.50 -9.18
CA CYS D 63 5.35 2.30 -9.26
C CYS D 63 5.02 1.96 -10.71
N GLY D 64 4.56 2.95 -11.48
CA GLY D 64 4.36 2.77 -12.92
C GLY D 64 5.62 2.26 -13.62
N VAL D 65 6.75 2.84 -13.29
CA VAL D 65 8.01 2.43 -13.88
C VAL D 65 8.29 0.93 -13.65
N VAL D 66 8.18 0.51 -12.40
CA VAL D 66 8.45 -0.89 -12.07
C VAL D 66 7.43 -1.87 -12.73
N CYS D 67 6.18 -1.44 -12.79
CA CYS D 67 5.12 -2.23 -13.48
C CYS D 67 5.46 -2.41 -14.98
N ALA D 68 5.84 -1.31 -15.61
CA ALA D 68 6.21 -1.34 -17.05
C ALA D 68 7.50 -2.12 -17.32
N LEU D 69 8.46 -2.02 -16.39
CA LEU D 69 9.67 -2.84 -16.47
C LEU D 69 9.35 -4.30 -16.75
N HIS D 70 8.44 -4.84 -15.95
CA HIS D 70 8.13 -6.26 -16.03
C HIS D 70 7.11 -6.58 -17.09
N ALA D 71 6.19 -5.67 -17.35
CA ALA D 71 5.22 -5.88 -18.40
C ALA D 71 5.90 -5.89 -19.79
N THR D 72 7.10 -5.30 -19.89
CA THR D 72 7.84 -5.24 -21.15
C THR D 72 9.05 -6.16 -21.15
N GLY D 73 9.06 -7.14 -20.24
CA GLY D 73 10.02 -8.25 -20.31
C GLY D 73 11.07 -8.30 -19.21
N GLY D 74 11.01 -7.41 -18.23
CA GLY D 74 11.97 -7.45 -17.12
C GLY D 74 13.33 -6.85 -17.39
N GLY D 75 14.27 -7.18 -16.50
CA GLY D 75 15.61 -6.63 -16.54
C GLY D 75 15.91 -5.82 -15.31
N ARG D 76 17.00 -5.06 -15.40
CA ARG D 76 17.49 -4.27 -14.28
C ARG D 76 17.43 -2.81 -14.64
N LEU D 77 17.01 -2.02 -13.66
CA LEU D 77 17.05 -0.57 -13.80
C LEU D 77 18.48 -0.04 -13.54
N VAL D 78 18.91 0.86 -14.41
CA VAL D 78 20.24 1.45 -14.40
C VAL D 78 20.21 2.93 -14.00
N ALA D 79 19.16 3.63 -14.43
CA ALA D 79 19.02 5.05 -14.12
C ALA D 79 17.57 5.44 -14.11
N LEU D 80 17.25 6.47 -13.33
CA LEU D 80 15.91 6.94 -13.22
C LEU D 80 15.89 8.45 -13.12
N ALA D 81 15.01 9.10 -13.85
CA ALA D 81 14.65 10.49 -13.63
C ALA D 81 13.18 10.60 -13.22
N CYS D 82 12.93 11.34 -12.13
CA CYS D 82 11.56 11.62 -11.66
CA CYS D 82 11.55 11.66 -11.68
C CYS D 82 11.40 13.14 -11.64
N VAL D 83 10.33 13.64 -12.26
CA VAL D 83 10.19 15.08 -12.37
C VAL D 83 8.79 15.56 -12.04
N ASP D 84 8.70 16.79 -11.57
CA ASP D 84 7.42 17.42 -11.42
C ASP D 84 6.97 17.93 -12.78
N GLY D 85 5.79 18.53 -12.82
CA GLY D 85 5.21 19.02 -14.08
C GLY D 85 6.10 19.97 -14.85
N ARG D 86 6.83 20.78 -14.09
CA ARG D 86 7.78 21.77 -14.61
C ARG D 86 9.17 21.21 -14.90
N GLY D 87 9.33 19.90 -14.80
CA GLY D 87 10.58 19.26 -15.10
C GLY D 87 11.64 19.35 -14.00
N ALA D 88 11.29 19.76 -12.78
CA ALA D 88 12.24 19.80 -11.66
C ALA D 88 12.50 18.36 -11.19
N PRO D 89 13.78 17.95 -10.97
CA PRO D 89 13.97 16.59 -10.44
C PRO D 89 13.43 16.39 -9.02
N LEU D 90 12.88 15.20 -8.78
CA LEU D 90 12.31 14.84 -7.50
C LEU D 90 12.97 13.61 -6.98
N MET D 91 13.04 13.54 -5.67
CA MET D 91 13.60 12.38 -4.98
C MET D 91 12.47 11.39 -4.65
N PRO D 92 12.63 10.11 -5.04
CA PRO D 92 11.60 9.09 -4.71
C PRO D 92 11.28 9.00 -3.22
N CYS D 93 10.01 8.78 -2.85
CA CYS D 93 9.67 8.56 -1.43
C CYS D 93 10.26 7.23 -0.94
N GLY D 94 10.18 6.99 0.37
CA GLY D 94 10.77 5.79 0.94
C GLY D 94 10.27 4.51 0.36
N ARG D 95 8.98 4.50 0.06
CA ARG D 95 8.37 3.31 -0.52
C ARG D 95 8.98 3.01 -1.87
N CYS D 96 9.09 4.04 -2.70
CA CYS D 96 9.65 3.92 -4.02
C CYS D 96 11.13 3.55 -3.98
N ARG D 97 11.89 4.03 -2.98
CA ARG D 97 13.29 3.63 -2.85
C ARG D 97 13.35 2.12 -2.64
N GLN D 98 12.48 1.58 -1.79
CA GLN D 98 12.47 0.12 -1.59
C GLN D 98 12.07 -0.65 -2.86
N LEU D 99 11.08 -0.15 -3.58
CA LEU D 99 10.70 -0.77 -4.84
C LEU D 99 11.86 -0.81 -5.79
N LEU D 100 12.51 0.34 -5.92
CA LEU D 100 13.54 0.45 -6.92
C LEU D 100 14.74 -0.36 -6.56
N PHE D 101 14.98 -0.52 -5.27
CA PHE D 101 16.12 -1.30 -4.82
C PHE D 101 16.03 -2.79 -5.27
N GLU D 102 14.83 -3.35 -5.27
CA GLU D 102 14.60 -4.71 -5.72
C GLU D 102 15.04 -4.87 -7.19
N HIS D 103 14.81 -3.83 -8.01
CA HIS D 103 15.01 -3.96 -9.47
C HIS D 103 16.24 -3.34 -10.01
N GLY D 104 16.95 -2.59 -9.17
CA GLY D 104 18.14 -1.86 -9.59
C GLY D 104 19.31 -1.93 -8.63
N GLY D 105 19.06 -2.19 -7.36
CA GLY D 105 20.15 -2.33 -6.36
C GLY D 105 20.84 -1.01 -6.08
N PRO D 106 21.98 -1.06 -5.39
CA PRO D 106 22.53 0.18 -4.83
C PRO D 106 23.13 1.11 -5.86
N GLU D 107 23.56 0.60 -7.01
CA GLU D 107 24.20 1.42 -8.03
C GLU D 107 23.23 2.11 -9.01
N LEU D 108 21.93 1.82 -8.91
CA LEU D 108 20.92 2.63 -9.62
C LEU D 108 21.13 4.10 -9.34
N LEU D 109 21.26 4.90 -10.39
CA LEU D 109 21.41 6.35 -10.29
C LEU D 109 20.07 7.10 -10.44
N VAL D 110 19.83 8.05 -9.54
CA VAL D 110 18.61 8.86 -9.54
C VAL D 110 19.01 10.29 -9.84
N ASP D 111 18.36 10.86 -10.87
CA ASP D 111 18.62 12.24 -11.31
C ASP D 111 18.40 13.24 -10.17
N HIS D 112 19.29 14.22 -10.09
CA HIS D 112 19.26 15.25 -9.06
C HIS D 112 19.99 16.44 -9.65
N LEU D 113 19.58 17.65 -9.30
CA LEU D 113 20.12 18.85 -9.95
C LEU D 113 21.65 18.92 -9.89
N ALA D 114 22.21 18.63 -8.73
CA ALA D 114 23.67 18.73 -8.56
C ALA D 114 24.49 17.63 -9.29
N GLY D 115 23.82 16.54 -9.69
CA GLY D 115 24.50 15.32 -10.14
C GLY D 115 23.72 14.13 -9.59
N PRO D 116 23.78 12.98 -10.24
CA PRO D 116 22.90 11.90 -9.77
C PRO D 116 23.30 11.33 -8.42
N ARG D 117 22.32 10.75 -7.73
CA ARG D 117 22.54 10.10 -6.45
C ARG D 117 22.38 8.59 -6.64
N ARG D 118 23.25 7.83 -6.00
CA ARG D 118 23.10 6.37 -5.97
C ARG D 118 21.96 5.97 -5.02
N LEU D 119 21.14 5.00 -5.45
CA LEU D 119 20.12 4.47 -4.57
C LEU D 119 20.72 3.94 -3.25
N GLY D 120 21.90 3.38 -3.28
CA GLY D 120 22.53 2.89 -2.08
C GLY D 120 22.70 3.94 -1.00
N ASP D 121 23.02 5.15 -1.42
CA ASP D 121 23.10 6.26 -0.51
C ASP D 121 21.70 6.73 -0.09
N LEU D 122 20.72 6.66 -0.98
CA LEU D 122 19.34 7.11 -0.64
C LEU D 122 18.59 6.10 0.25
N LEU D 123 19.05 4.85 0.29
CA LEU D 123 18.42 3.81 1.11
C LEU D 123 19.48 2.90 1.72
N PRO D 124 20.19 3.40 2.73
CA PRO D 124 21.27 2.58 3.32
C PRO D 124 20.74 1.42 4.14
N GLU D 125 21.53 0.37 4.30
CA GLU D 125 21.11 -0.77 5.15
C GLU D 125 19.78 -1.34 4.64
N PRO D 126 19.68 -1.62 3.34
CA PRO D 126 18.40 -1.98 2.68
C PRO D 126 17.72 -3.23 3.24
#